data_2ME6
#
_entry.id   2ME6
#
loop_
_entity.id
_entity.type
_entity.pdbx_description
1 polymer 'Homeobox protein GBX-1'
2 polymer "DNA (5'-D(*CP*GP*AP*CP*TP*AP*AP*TP*TP*AP*GP*TP*CP*G)-3')"
#
loop_
_entity_poly.entity_id
_entity_poly.type
_entity_poly.pdbx_seq_one_letter_code
_entity_poly.pdbx_strand_id
1 'polypeptide(L)' SAPGGKSRRRRTAFTSEQLLELEKEFHCKKYLSLTERSQIAHALKLSEVQVKIWFQNRRAKWKRIKAGNVS A
2 'polydeoxyribonucleotide' (DC)(DG)(DA)(DC)(DT)(DA)(DA)(DT)(DT)(DA)(DG)(DT)(DC)(DG) B,C
#
# COMPACT_ATOMS: atom_id res chain seq x y z
N SER A 1 -23.80 -15.21 -5.46
CA SER A 1 -22.42 -14.67 -5.36
C SER A 1 -21.41 -15.70 -5.84
N ALA A 2 -20.81 -15.42 -6.99
CA ALA A 2 -19.81 -16.30 -7.58
C ALA A 2 -18.75 -15.49 -8.30
N PRO A 3 -17.48 -15.94 -8.26
CA PRO A 3 -16.38 -15.24 -8.92
C PRO A 3 -16.49 -15.27 -10.44
N GLY A 4 -15.85 -14.30 -11.10
CA GLY A 4 -15.88 -14.23 -12.53
C GLY A 4 -14.53 -13.90 -13.12
N GLY A 5 -13.98 -12.75 -12.73
CA GLY A 5 -12.70 -12.33 -13.25
C GLY A 5 -11.56 -12.76 -12.34
N LYS A 6 -10.44 -13.14 -12.94
CA LYS A 6 -9.28 -13.58 -12.19
C LYS A 6 -7.98 -13.09 -12.83
N SER A 7 -7.61 -11.85 -12.56
CA SER A 7 -6.39 -11.28 -13.09
C SER A 7 -5.77 -10.32 -12.08
N ARG A 8 -4.45 -10.27 -12.03
CA ARG A 8 -3.74 -9.39 -11.11
C ARG A 8 -3.79 -7.96 -11.62
N ARG A 9 -4.84 -7.24 -11.25
CA ARG A 9 -4.99 -5.85 -11.63
C ARG A 9 -3.89 -5.03 -11.00
N ARG A 10 -3.01 -4.49 -11.83
CA ARG A 10 -1.91 -3.68 -11.36
C ARG A 10 -2.38 -2.26 -11.10
N ARG A 11 -3.03 -2.10 -9.96
CA ARG A 11 -3.57 -0.82 -9.48
C ARG A 11 -4.49 -1.13 -8.31
N THR A 12 -3.94 -1.06 -7.11
CA THR A 12 -4.65 -1.34 -5.87
C THR A 12 -6.08 -0.81 -5.88
N ALA A 13 -7.04 -1.72 -5.72
CA ALA A 13 -8.45 -1.36 -5.72
C ALA A 13 -8.86 -0.73 -4.39
N PHE A 14 -8.84 0.60 -4.35
CA PHE A 14 -9.22 1.34 -3.16
C PHE A 14 -10.62 1.92 -3.33
N THR A 15 -11.34 2.02 -2.23
CA THR A 15 -12.69 2.56 -2.24
C THR A 15 -12.73 3.83 -1.39
N SER A 16 -13.79 4.62 -1.55
CA SER A 16 -13.93 5.88 -0.83
C SER A 16 -13.88 5.69 0.69
N GLU A 17 -14.56 4.66 1.20
CA GLU A 17 -14.58 4.37 2.63
C GLU A 17 -13.18 4.06 3.14
N GLN A 18 -12.42 3.33 2.32
CA GLN A 18 -11.07 2.94 2.67
C GLN A 18 -10.11 4.12 2.53
N LEU A 19 -10.27 4.87 1.45
CA LEU A 19 -9.44 6.03 1.16
C LEU A 19 -9.51 7.06 2.29
N LEU A 20 -10.67 7.13 2.94
CA LEU A 20 -10.90 8.06 4.03
C LEU A 20 -9.87 7.87 5.15
N GLU A 21 -9.68 6.63 5.57
CA GLU A 21 -8.72 6.34 6.65
C GLU A 21 -7.32 6.12 6.09
N LEU A 22 -7.23 5.69 4.84
CA LEU A 22 -5.94 5.45 4.21
C LEU A 22 -5.19 6.78 4.01
N GLU A 23 -5.88 7.76 3.44
CA GLU A 23 -5.29 9.07 3.19
C GLU A 23 -4.94 9.79 4.49
N LYS A 24 -5.61 9.38 5.57
CA LYS A 24 -5.39 9.97 6.89
C LYS A 24 -3.91 9.90 7.28
N GLU A 25 -3.33 8.72 7.14
CA GLU A 25 -1.93 8.50 7.49
C GLU A 25 -1.00 9.17 6.47
N PHE A 26 -1.43 9.19 5.21
CA PHE A 26 -0.63 9.81 4.15
C PHE A 26 -0.41 11.29 4.40
N HIS A 27 -1.32 11.91 5.15
CA HIS A 27 -1.22 13.32 5.47
C HIS A 27 -0.72 13.50 6.91
N CYS A 28 -0.28 12.39 7.51
CA CYS A 28 0.22 12.40 8.88
C CYS A 28 1.71 12.03 8.90
N LYS A 29 2.02 10.84 8.42
CA LYS A 29 3.40 10.37 8.38
C LYS A 29 3.59 9.32 7.29
N LYS A 30 4.76 9.29 6.68
CA LYS A 30 5.04 8.36 5.59
C LYS A 30 5.64 7.06 6.12
N TYR A 31 5.67 6.90 7.43
CA TYR A 31 6.21 5.69 8.04
C TYR A 31 5.25 5.16 9.10
N LEU A 32 4.83 3.92 8.94
CA LEU A 32 3.91 3.31 9.88
C LEU A 32 4.62 2.24 10.70
N SER A 33 4.38 2.25 12.00
CA SER A 33 4.98 1.28 12.91
C SER A 33 4.20 -0.02 12.90
N LEU A 34 4.69 -1.00 13.64
CA LEU A 34 4.05 -2.31 13.73
C LEU A 34 2.63 -2.17 14.27
N THR A 35 2.48 -1.34 15.31
CA THR A 35 1.20 -1.11 15.94
C THR A 35 0.34 -0.13 15.12
N GLU A 36 0.80 0.21 13.93
CA GLU A 36 0.08 1.12 13.06
C GLU A 36 -0.38 0.40 11.80
N ARG A 37 0.57 -0.17 11.08
CA ARG A 37 0.29 -0.89 9.83
C ARG A 37 -0.62 -2.08 10.09
N SER A 38 -0.35 -2.80 11.18
CA SER A 38 -1.14 -3.99 11.50
C SER A 38 -2.44 -3.63 12.24
N GLN A 39 -2.72 -2.34 12.37
CA GLN A 39 -3.93 -1.91 13.06
C GLN A 39 -4.95 -1.34 12.07
N ILE A 40 -4.48 -0.55 11.11
CA ILE A 40 -5.37 0.05 10.11
C ILE A 40 -6.08 -1.04 9.31
N ALA A 41 -5.36 -2.11 9.00
CA ALA A 41 -5.91 -3.22 8.24
C ALA A 41 -6.78 -4.12 9.13
N HIS A 42 -6.74 -3.87 10.43
CA HIS A 42 -7.51 -4.65 11.38
C HIS A 42 -8.74 -3.86 11.84
N ALA A 43 -8.71 -2.56 11.60
CA ALA A 43 -9.81 -1.67 11.99
C ALA A 43 -11.03 -1.91 11.10
N LEU A 44 -10.79 -2.20 9.84
CA LEU A 44 -11.85 -2.45 8.89
C LEU A 44 -11.59 -3.73 8.10
N LYS A 45 -12.34 -3.94 7.05
CA LYS A 45 -12.17 -5.12 6.21
C LYS A 45 -10.98 -4.95 5.26
N LEU A 46 -9.78 -5.14 5.81
CA LEU A 46 -8.55 -5.01 5.03
C LEU A 46 -7.56 -6.10 5.43
N SER A 47 -6.41 -6.10 4.77
CA SER A 47 -5.36 -7.06 5.05
C SER A 47 -4.00 -6.35 5.04
N GLU A 48 -3.17 -6.69 6.02
CA GLU A 48 -1.85 -6.09 6.16
C GLU A 48 -1.03 -6.15 4.88
N VAL A 49 -1.21 -7.21 4.10
CA VAL A 49 -0.47 -7.38 2.85
C VAL A 49 -0.79 -6.26 1.85
N GLN A 50 -2.07 -5.92 1.75
CA GLN A 50 -2.53 -4.89 0.82
C GLN A 50 -1.99 -3.51 1.21
N VAL A 51 -1.89 -3.27 2.50
CA VAL A 51 -1.39 -1.98 3.00
C VAL A 51 0.13 -1.87 2.80
N LYS A 52 0.76 -3.00 2.52
CA LYS A 52 2.21 -3.04 2.32
C LYS A 52 2.58 -2.64 0.89
N ILE A 53 1.89 -3.20 -0.09
CA ILE A 53 2.15 -2.90 -1.50
C ILE A 53 2.00 -1.40 -1.77
N TRP A 54 1.07 -0.78 -1.06
CA TRP A 54 0.81 0.65 -1.20
C TRP A 54 2.09 1.45 -0.97
N PHE A 55 2.87 1.05 0.03
CA PHE A 55 4.11 1.73 0.38
C PHE A 55 5.26 1.24 -0.51
N GLN A 56 5.26 -0.05 -0.79
CA GLN A 56 6.31 -0.66 -1.62
C GLN A 56 6.42 0.00 -2.98
N ASN A 57 5.28 0.15 -3.65
CA ASN A 57 5.25 0.76 -4.98
C ASN A 57 5.80 2.18 -4.98
N ARG A 58 5.68 2.86 -3.86
CA ARG A 58 6.19 4.23 -3.74
C ARG A 58 7.70 4.23 -3.61
N ARG A 59 8.22 3.29 -2.83
CA ARG A 59 9.66 3.18 -2.60
C ARG A 59 10.36 2.52 -3.78
N ALA A 60 9.61 1.72 -4.53
CA ALA A 60 10.15 1.03 -5.69
C ALA A 60 10.72 2.02 -6.70
N LYS A 61 10.11 3.19 -6.79
CA LYS A 61 10.55 4.23 -7.70
C LYS A 61 11.87 4.83 -7.22
N TRP A 62 12.05 4.87 -5.90
CA TRP A 62 13.25 5.43 -5.31
C TRP A 62 14.44 4.47 -5.49
N LYS A 63 14.14 3.18 -5.47
CA LYS A 63 15.18 2.16 -5.64
C LYS A 63 15.76 2.21 -7.04
N ARG A 64 15.03 2.84 -7.96
CA ARG A 64 15.46 2.96 -9.33
C ARG A 64 16.44 4.13 -9.48
N ILE A 65 16.47 5.00 -8.47
CA ILE A 65 17.35 6.15 -8.48
C ILE A 65 18.53 5.94 -7.54
N LYS A 66 18.24 5.58 -6.30
CA LYS A 66 19.28 5.36 -5.30
C LYS A 66 19.89 3.98 -5.47
N ALA A 67 20.81 3.85 -6.40
CA ALA A 67 21.49 2.59 -6.67
C ALA A 67 22.87 2.84 -7.26
N GLY A 68 23.47 1.81 -7.83
CA GLY A 68 24.78 1.95 -8.43
C GLY A 68 24.69 2.17 -9.92
N ASN A 69 25.58 2.99 -10.46
CA ASN A 69 25.58 3.28 -11.88
C ASN A 69 26.77 2.61 -12.55
N VAL A 70 26.72 2.53 -13.88
CA VAL A 70 27.79 1.90 -14.65
C VAL A 70 28.22 2.81 -15.80
N SER A 71 29.50 2.72 -16.16
CA SER A 71 30.06 3.52 -17.25
C SER A 71 29.89 5.02 -16.99
N SER A 1 -12.23 -10.44 3.57
CA SER A 1 -10.77 -10.67 3.59
C SER A 1 -10.25 -10.89 2.17
N ALA A 2 -8.94 -10.77 1.99
CA ALA A 2 -8.34 -10.97 0.69
C ALA A 2 -7.57 -12.28 0.65
N PRO A 3 -8.09 -13.29 -0.07
CA PRO A 3 -7.46 -14.60 -0.18
C PRO A 3 -6.33 -14.63 -1.19
N GLY A 4 -5.61 -15.74 -1.23
CA GLY A 4 -4.52 -15.90 -2.16
C GLY A 4 -4.99 -16.21 -3.56
N GLY A 5 -4.13 -15.99 -4.53
CA GLY A 5 -4.47 -16.25 -5.92
C GLY A 5 -4.73 -14.97 -6.67
N LYS A 6 -3.75 -14.09 -6.69
CA LYS A 6 -3.87 -12.80 -7.36
C LYS A 6 -2.73 -12.57 -8.33
N SER A 7 -3.04 -11.99 -9.47
CA SER A 7 -2.03 -11.67 -10.46
C SER A 7 -1.61 -10.22 -10.29
N ARG A 8 -0.48 -9.86 -10.86
CA ARG A 8 0.01 -8.50 -10.75
C ARG A 8 -0.84 -7.53 -11.56
N ARG A 9 -1.18 -6.41 -10.94
CA ARG A 9 -1.95 -5.37 -11.61
C ARG A 9 -1.19 -4.05 -11.46
N ARG A 10 -1.16 -3.25 -12.50
CA ARG A 10 -0.45 -1.98 -12.41
C ARG A 10 -1.37 -0.94 -11.79
N ARG A 11 -2.65 -1.28 -11.70
CA ARG A 11 -3.66 -0.42 -11.12
C ARG A 11 -4.46 -1.19 -10.07
N THR A 12 -4.32 -0.80 -8.81
CA THR A 12 -5.03 -1.46 -7.72
C THR A 12 -6.48 -0.99 -7.65
N ALA A 13 -7.38 -1.92 -7.36
CA ALA A 13 -8.80 -1.59 -7.25
C ALA A 13 -9.17 -1.24 -5.81
N PHE A 14 -9.25 0.05 -5.54
CA PHE A 14 -9.60 0.53 -4.21
C PHE A 14 -10.76 1.52 -4.29
N THR A 15 -11.17 2.04 -3.13
CA THR A 15 -12.26 2.99 -3.07
C THR A 15 -12.06 3.93 -1.88
N SER A 16 -12.85 4.98 -1.79
CA SER A 16 -12.74 5.95 -0.70
C SER A 16 -12.95 5.29 0.67
N GLU A 17 -13.85 4.31 0.72
CA GLU A 17 -14.13 3.60 1.96
C GLU A 17 -12.89 2.83 2.43
N GLN A 18 -12.12 2.32 1.47
CA GLN A 18 -10.91 1.56 1.78
C GLN A 18 -9.68 2.46 1.76
N LEU A 19 -9.90 3.75 1.52
CA LEU A 19 -8.82 4.72 1.49
C LEU A 19 -8.89 5.62 2.71
N LEU A 20 -10.04 5.59 3.38
CA LEU A 20 -10.27 6.38 4.58
C LEU A 20 -9.21 6.09 5.62
N GLU A 21 -9.00 4.81 5.90
CA GLU A 21 -8.01 4.38 6.86
C GLU A 21 -6.84 3.76 6.12
N LEU A 22 -6.22 4.57 5.26
CA LEU A 22 -5.09 4.14 4.46
C LEU A 22 -4.25 5.35 4.04
N GLU A 23 -4.92 6.48 3.82
CA GLU A 23 -4.24 7.70 3.40
C GLU A 23 -4.35 8.81 4.44
N LYS A 24 -4.86 8.48 5.62
CA LYS A 24 -5.01 9.47 6.69
C LYS A 24 -3.74 9.50 7.51
N GLU A 25 -3.17 8.33 7.71
CA GLU A 25 -1.93 8.17 8.46
C GLU A 25 -0.76 8.80 7.69
N PHE A 26 -0.83 8.70 6.37
CA PHE A 26 0.20 9.26 5.50
C PHE A 26 0.12 10.78 5.47
N HIS A 27 -0.94 11.32 6.06
CA HIS A 27 -1.13 12.76 6.12
C HIS A 27 -0.43 13.33 7.35
N CYS A 28 0.01 12.43 8.22
CA CYS A 28 0.70 12.82 9.43
C CYS A 28 2.17 12.39 9.38
N LYS A 29 2.42 11.25 8.76
CA LYS A 29 3.78 10.73 8.63
C LYS A 29 3.88 9.77 7.45
N LYS A 30 5.09 9.56 6.94
CA LYS A 30 5.28 8.67 5.81
C LYS A 30 5.78 7.30 6.26
N TYR A 31 5.73 7.04 7.56
CA TYR A 31 6.18 5.77 8.10
C TYR A 31 5.10 5.19 9.01
N LEU A 32 5.08 3.87 9.15
CA LEU A 32 4.10 3.21 9.98
C LEU A 32 4.74 2.46 11.13
N SER A 33 4.51 2.92 12.35
CA SER A 33 5.05 2.28 13.53
C SER A 33 4.29 0.98 13.83
N LEU A 34 4.80 0.21 14.78
CA LEU A 34 4.18 -1.06 15.16
C LEU A 34 2.78 -0.82 15.71
N THR A 35 2.64 0.23 16.53
CA THR A 35 1.35 0.57 17.13
C THR A 35 0.33 0.96 16.07
N GLU A 36 0.79 1.71 15.08
CA GLU A 36 -0.09 2.16 14.00
C GLU A 36 -0.62 0.99 13.19
N ARG A 37 0.28 0.06 12.85
CA ARG A 37 -0.10 -1.11 12.06
C ARG A 37 -0.98 -2.06 12.87
N SER A 38 -1.21 -1.75 14.13
CA SER A 38 -2.05 -2.57 14.98
C SER A 38 -3.52 -2.22 14.77
N GLN A 39 -3.77 -1.02 14.27
CA GLN A 39 -5.13 -0.55 14.02
C GLN A 39 -5.39 -0.49 12.52
N ILE A 40 -4.41 0.01 11.77
CA ILE A 40 -4.53 0.11 10.32
C ILE A 40 -4.74 -1.26 9.69
N ALA A 41 -5.77 -1.37 8.85
CA ALA A 41 -6.11 -2.63 8.17
C ALA A 41 -6.51 -3.71 9.16
N HIS A 42 -6.86 -3.32 10.38
CA HIS A 42 -7.27 -4.28 11.39
C HIS A 42 -8.65 -3.93 11.95
N ALA A 43 -9.01 -2.65 11.87
CA ALA A 43 -10.30 -2.19 12.36
C ALA A 43 -11.30 -2.01 11.22
N LEU A 44 -11.01 -2.60 10.06
CA LEU A 44 -11.89 -2.51 8.91
C LEU A 44 -11.65 -3.68 7.96
N LYS A 45 -12.40 -3.72 6.87
CA LYS A 45 -12.28 -4.81 5.90
C LYS A 45 -11.12 -4.62 4.92
N LEU A 46 -10.02 -4.06 5.40
CA LEU A 46 -8.85 -3.87 4.56
C LEU A 46 -7.92 -5.07 4.68
N SER A 47 -6.69 -4.93 4.21
CA SER A 47 -5.74 -6.02 4.29
C SER A 47 -4.33 -5.46 4.48
N GLU A 48 -3.53 -6.15 5.27
CA GLU A 48 -2.15 -5.74 5.55
C GLU A 48 -1.30 -5.84 4.30
N VAL A 49 -1.62 -6.82 3.45
CA VAL A 49 -0.88 -7.02 2.21
C VAL A 49 -1.04 -5.81 1.29
N GLN A 50 -2.22 -5.20 1.32
CA GLN A 50 -2.51 -4.04 0.49
C GLN A 50 -1.62 -2.88 0.91
N VAL A 51 -1.54 -2.64 2.21
CA VAL A 51 -0.73 -1.56 2.75
C VAL A 51 0.74 -1.79 2.41
N LYS A 52 1.13 -3.06 2.35
CA LYS A 52 2.50 -3.43 2.03
C LYS A 52 2.88 -2.99 0.62
N ILE A 53 2.04 -3.31 -0.36
CA ILE A 53 2.32 -2.95 -1.75
C ILE A 53 2.03 -1.48 -1.99
N TRP A 54 1.13 -0.92 -1.19
CA TRP A 54 0.80 0.51 -1.27
C TRP A 54 2.04 1.31 -0.90
N PHE A 55 2.76 0.79 0.09
CA PHE A 55 3.99 1.41 0.57
C PHE A 55 5.09 1.26 -0.50
N GLN A 56 5.02 0.15 -1.23
CA GLN A 56 5.99 -0.14 -2.29
C GLN A 56 5.83 0.84 -3.45
N ASN A 57 4.65 1.43 -3.56
CA ASN A 57 4.37 2.37 -4.65
C ASN A 57 5.21 3.64 -4.51
N ARG A 58 5.84 3.80 -3.36
CA ARG A 58 6.69 4.95 -3.11
C ARG A 58 8.16 4.52 -3.07
N ARG A 59 8.46 3.57 -2.19
CA ARG A 59 9.82 3.07 -2.04
C ARG A 59 10.31 2.29 -3.25
N ALA A 60 9.59 1.23 -3.61
CA ALA A 60 9.98 0.38 -4.73
C ALA A 60 9.94 1.14 -6.06
N LYS A 61 9.00 2.07 -6.19
CA LYS A 61 8.89 2.85 -7.42
C LYS A 61 10.09 3.78 -7.57
N TRP A 62 10.56 4.32 -6.45
CA TRP A 62 11.71 5.21 -6.46
C TRP A 62 12.98 4.43 -6.80
N LYS A 63 13.12 3.27 -6.17
CA LYS A 63 14.28 2.42 -6.40
C LYS A 63 14.26 1.86 -7.81
N ARG A 64 13.07 1.77 -8.40
CA ARG A 64 12.90 1.25 -9.75
C ARG A 64 13.46 2.23 -10.78
N ILE A 65 13.45 3.52 -10.43
CA ILE A 65 13.97 4.56 -11.31
C ILE A 65 15.47 4.38 -11.54
N LYS A 66 16.16 3.97 -10.49
CA LYS A 66 17.59 3.75 -10.55
C LYS A 66 17.92 2.28 -10.28
N ALA A 67 17.16 1.39 -10.90
CA ALA A 67 17.35 -0.04 -10.72
C ALA A 67 18.54 -0.54 -11.56
N GLY A 68 19.73 -0.07 -11.20
CA GLY A 68 20.92 -0.48 -11.91
C GLY A 68 21.27 0.44 -13.07
N ASN A 69 22.53 0.42 -13.47
CA ASN A 69 23.00 1.25 -14.57
C ASN A 69 23.23 0.38 -15.81
N VAL A 70 22.38 0.54 -16.80
CA VAL A 70 22.49 -0.20 -18.05
C VAL A 70 22.39 0.76 -19.23
N SER A 71 22.93 0.34 -20.37
CA SER A 71 22.90 1.17 -21.57
C SER A 71 22.08 0.47 -22.65
N SER A 1 -12.57 -18.55 -7.38
CA SER A 1 -12.53 -18.86 -8.82
C SER A 1 -11.14 -18.60 -9.39
N ALA A 2 -10.36 -19.65 -9.55
CA ALA A 2 -9.02 -19.53 -10.09
C ALA A 2 -8.87 -20.36 -11.35
N PRO A 3 -9.16 -19.75 -12.51
CA PRO A 3 -9.06 -20.44 -13.80
C PRO A 3 -7.64 -20.56 -14.31
N GLY A 4 -7.35 -21.67 -14.97
CA GLY A 4 -6.01 -21.89 -15.49
C GLY A 4 -5.84 -21.36 -16.90
N GLY A 5 -4.77 -20.58 -17.10
CA GLY A 5 -4.50 -20.02 -18.40
C GLY A 5 -5.16 -18.66 -18.61
N LYS A 6 -5.00 -17.77 -17.64
CA LYS A 6 -5.58 -16.44 -17.72
C LYS A 6 -4.47 -15.39 -17.70
N SER A 7 -4.78 -14.20 -18.20
CA SER A 7 -3.81 -13.13 -18.21
C SER A 7 -4.49 -11.80 -17.93
N ARG A 8 -3.88 -10.98 -17.09
CA ARG A 8 -4.41 -9.68 -16.75
C ARG A 8 -3.32 -8.81 -16.15
N ARG A 9 -3.31 -7.55 -16.50
CA ARG A 9 -2.33 -6.63 -15.96
C ARG A 9 -2.72 -6.30 -14.54
N ARG A 10 -1.91 -6.76 -13.59
CA ARG A 10 -2.17 -6.52 -12.18
C ARG A 10 -2.33 -5.02 -11.94
N ARG A 11 -3.51 -4.65 -11.48
CA ARG A 11 -3.82 -3.26 -11.20
C ARG A 11 -4.33 -3.12 -9.78
N THR A 12 -3.85 -2.10 -9.10
CA THR A 12 -4.26 -1.83 -7.75
C THR A 12 -5.77 -1.58 -7.67
N ALA A 13 -6.42 -2.16 -6.67
CA ALA A 13 -7.86 -2.02 -6.51
C ALA A 13 -8.21 -1.47 -5.14
N PHE A 14 -8.45 -0.16 -5.09
CA PHE A 14 -8.80 0.51 -3.84
C PHE A 14 -10.01 1.40 -4.04
N THR A 15 -10.97 1.28 -3.13
CA THR A 15 -12.18 2.08 -3.19
C THR A 15 -12.01 3.39 -2.43
N SER A 16 -12.97 4.30 -2.57
CA SER A 16 -12.92 5.59 -1.90
C SER A 16 -12.94 5.42 -0.38
N GLU A 17 -13.67 4.43 0.09
CA GLU A 17 -13.78 4.16 1.53
C GLU A 17 -12.42 3.72 2.09
N GLN A 18 -11.62 3.07 1.24
CA GLN A 18 -10.30 2.62 1.66
C GLN A 18 -9.31 3.77 1.63
N LEU A 19 -9.41 4.59 0.59
CA LEU A 19 -8.52 5.74 0.43
C LEU A 19 -8.79 6.80 1.50
N LEU A 20 -9.99 6.77 2.05
CA LEU A 20 -10.41 7.72 3.08
C LEU A 20 -9.39 7.82 4.22
N GLU A 21 -8.97 6.67 4.73
CA GLU A 21 -8.01 6.65 5.82
C GLU A 21 -6.59 6.47 5.29
N LEU A 22 -6.47 5.79 4.16
CA LEU A 22 -5.18 5.54 3.53
C LEU A 22 -4.47 6.84 3.16
N GLU A 23 -5.23 7.79 2.63
CA GLU A 23 -4.66 9.08 2.23
C GLU A 23 -4.53 10.02 3.43
N LYS A 24 -5.00 9.56 4.59
CA LYS A 24 -4.94 10.39 5.79
C LYS A 24 -3.68 10.07 6.59
N GLU A 25 -3.51 8.79 6.93
CA GLU A 25 -2.37 8.36 7.74
C GLU A 25 -1.03 8.68 7.08
N PHE A 26 -1.00 8.68 5.75
CA PHE A 26 0.23 8.97 5.00
C PHE A 26 0.67 10.42 5.18
N HIS A 27 -0.11 11.21 5.91
CA HIS A 27 0.21 12.61 6.14
C HIS A 27 0.80 12.79 7.53
N CYS A 28 0.27 12.05 8.49
CA CYS A 28 0.74 12.13 9.87
C CYS A 28 1.96 11.24 10.10
N LYS A 29 2.09 10.19 9.30
CA LYS A 29 3.21 9.28 9.42
C LYS A 29 3.48 8.61 8.08
N LYS A 30 4.67 8.03 7.94
CA LYS A 30 5.04 7.34 6.70
C LYS A 30 5.71 6.01 7.01
N TYR A 31 5.93 5.73 8.29
CA TYR A 31 6.57 4.50 8.71
C TYR A 31 5.63 3.69 9.59
N LEU A 32 5.48 2.41 9.28
CA LEU A 32 4.61 1.54 10.05
C LEU A 32 5.42 0.53 10.85
N SER A 33 5.61 0.82 12.12
CA SER A 33 6.37 -0.04 13.02
C SER A 33 5.56 -1.28 13.44
N LEU A 34 5.55 -2.29 12.58
CA LEU A 34 4.84 -3.56 12.81
C LEU A 34 3.37 -3.35 13.19
N THR A 35 3.11 -3.20 14.49
CA THR A 35 1.75 -3.01 14.99
C THR A 35 1.10 -1.77 14.37
N GLU A 36 1.92 -0.80 13.98
CA GLU A 36 1.42 0.42 13.36
C GLU A 36 0.76 0.10 12.02
N ARG A 37 1.14 -1.03 11.43
CA ARG A 37 0.57 -1.48 10.17
C ARG A 37 -0.82 -2.07 10.44
N SER A 38 -0.96 -2.70 11.59
CA SER A 38 -2.22 -3.31 11.99
C SER A 38 -3.22 -2.27 12.45
N GLN A 39 -2.73 -1.15 12.98
CA GLN A 39 -3.60 -0.07 13.47
C GLN A 39 -4.60 0.33 12.39
N ILE A 40 -4.09 0.55 11.19
CA ILE A 40 -4.92 0.97 10.06
C ILE A 40 -5.89 -0.14 9.66
N ALA A 41 -5.36 -1.34 9.49
CA ALA A 41 -6.15 -2.49 9.08
C ALA A 41 -7.22 -2.85 10.11
N HIS A 42 -6.97 -2.54 11.37
CA HIS A 42 -7.91 -2.86 12.44
C HIS A 42 -8.78 -1.64 12.77
N ALA A 43 -8.60 -0.57 12.02
CA ALA A 43 -9.38 0.64 12.21
C ALA A 43 -10.59 0.63 11.29
N LEU A 44 -10.33 0.36 10.02
CA LEU A 44 -11.38 0.31 9.02
C LEU A 44 -11.39 -1.08 8.38
N LYS A 45 -12.10 -1.22 7.26
CA LYS A 45 -12.18 -2.49 6.57
C LYS A 45 -10.96 -2.66 5.66
N LEU A 46 -9.81 -2.95 6.28
CA LEU A 46 -8.57 -3.15 5.54
C LEU A 46 -7.81 -4.33 6.12
N SER A 47 -6.79 -4.79 5.41
CA SER A 47 -6.00 -5.92 5.86
C SER A 47 -4.52 -5.58 5.77
N GLU A 48 -3.71 -6.23 6.60
CA GLU A 48 -2.27 -6.00 6.63
C GLU A 48 -1.59 -6.62 5.40
N VAL A 49 -2.38 -7.23 4.52
CA VAL A 49 -1.85 -7.83 3.31
C VAL A 49 -2.01 -6.91 2.10
N GLN A 50 -3.09 -6.13 2.09
CA GLN A 50 -3.33 -5.20 0.99
C GLN A 50 -2.40 -3.99 1.09
N VAL A 51 -2.35 -3.40 2.28
CA VAL A 51 -1.49 -2.25 2.54
C VAL A 51 -0.03 -2.66 2.64
N LYS A 52 0.22 -3.94 2.41
CA LYS A 52 1.56 -4.51 2.47
C LYS A 52 2.34 -4.15 1.22
N ILE A 53 1.86 -4.66 0.08
CA ILE A 53 2.50 -4.41 -1.21
C ILE A 53 2.28 -2.96 -1.65
N TRP A 54 1.19 -2.37 -1.18
CA TRP A 54 0.85 -0.99 -1.54
C TRP A 54 1.95 -0.02 -1.09
N PHE A 55 2.50 -0.26 0.10
CA PHE A 55 3.56 0.59 0.63
C PHE A 55 4.85 0.41 -0.17
N GLN A 56 4.99 -0.75 -0.80
CA GLN A 56 6.16 -1.06 -1.61
C GLN A 56 6.15 -0.20 -2.87
N ASN A 57 4.95 0.00 -3.41
CA ASN A 57 4.76 0.80 -4.62
C ASN A 57 5.26 2.23 -4.42
N ARG A 58 5.13 2.72 -3.20
CA ARG A 58 5.57 4.07 -2.87
C ARG A 58 7.10 4.14 -2.81
N ARG A 59 7.71 3.04 -2.38
CA ARG A 59 9.17 2.98 -2.29
C ARG A 59 9.78 2.76 -3.67
N ALA A 60 9.01 2.12 -4.55
CA ALA A 60 9.45 1.84 -5.91
C ALA A 60 9.88 3.10 -6.63
N LYS A 61 9.22 4.21 -6.32
CA LYS A 61 9.52 5.49 -6.93
C LYS A 61 10.85 6.04 -6.43
N TRP A 62 11.04 6.06 -5.11
CA TRP A 62 12.26 6.59 -4.51
C TRP A 62 13.45 5.67 -4.76
N LYS A 63 13.20 4.36 -4.82
CA LYS A 63 14.27 3.38 -5.04
C LYS A 63 14.83 3.49 -6.45
N ARG A 64 14.01 3.98 -7.38
CA ARG A 64 14.44 4.15 -8.77
C ARG A 64 15.13 5.50 -8.93
N ILE A 65 15.39 6.15 -7.80
CA ILE A 65 16.04 7.44 -7.79
C ILE A 65 17.32 7.37 -6.96
N LYS A 66 17.18 7.02 -5.69
CA LYS A 66 18.32 6.91 -4.78
C LYS A 66 19.03 5.57 -4.95
N ALA A 67 19.80 5.46 -6.02
CA ALA A 67 20.54 4.26 -6.33
C ALA A 67 21.63 4.57 -7.35
N GLY A 68 22.02 3.56 -8.12
CA GLY A 68 23.05 3.76 -9.13
C GLY A 68 22.56 4.66 -10.24
N ASN A 69 23.05 5.90 -10.26
CA ASN A 69 22.66 6.87 -11.26
C ASN A 69 23.83 7.22 -12.16
N VAL A 70 23.55 7.36 -13.45
CA VAL A 70 24.60 7.71 -14.40
C VAL A 70 24.67 9.22 -14.56
N SER A 71 25.68 9.82 -13.94
CA SER A 71 25.89 11.27 -13.97
C SER A 71 24.78 11.99 -13.22
N SER A 1 -22.52 -15.78 -5.56
CA SER A 1 -21.58 -14.96 -6.36
C SER A 1 -20.71 -15.85 -7.22
N ALA A 2 -20.19 -15.29 -8.31
CA ALA A 2 -19.33 -16.05 -9.22
C ALA A 2 -18.22 -15.17 -9.79
N PRO A 3 -16.95 -15.54 -9.53
CA PRO A 3 -15.79 -14.78 -10.02
C PRO A 3 -15.58 -15.01 -11.53
N GLY A 4 -15.20 -13.96 -12.24
CA GLY A 4 -14.97 -14.07 -13.67
C GLY A 4 -13.60 -13.61 -14.09
N GLY A 5 -13.56 -12.64 -14.98
CA GLY A 5 -12.30 -12.11 -15.48
C GLY A 5 -11.52 -11.36 -14.42
N LYS A 6 -10.26 -11.74 -14.23
CA LYS A 6 -9.39 -11.10 -13.25
C LYS A 6 -8.00 -10.89 -13.83
N SER A 7 -7.47 -9.68 -13.71
CA SER A 7 -6.14 -9.35 -14.21
C SER A 7 -5.43 -8.42 -13.25
N ARG A 8 -4.12 -8.59 -13.11
CA ARG A 8 -3.34 -7.74 -12.22
C ARG A 8 -3.11 -6.39 -12.87
N ARG A 9 -4.07 -5.50 -12.69
CA ARG A 9 -3.99 -4.16 -13.24
C ARG A 9 -2.92 -3.37 -12.49
N ARG A 10 -2.03 -2.70 -13.20
CA ARG A 10 -1.00 -1.92 -12.54
C ARG A 10 -1.58 -0.59 -12.06
N ARG A 11 -2.49 -0.71 -11.11
CA ARG A 11 -3.17 0.40 -10.48
C ARG A 11 -3.94 -0.14 -9.30
N THR A 12 -3.32 -0.07 -8.12
CA THR A 12 -3.89 -0.56 -6.88
C THR A 12 -5.37 -0.20 -6.74
N ALA A 13 -6.19 -1.23 -6.56
CA ALA A 13 -7.63 -1.06 -6.44
C ALA A 13 -8.01 -0.54 -5.05
N PHE A 14 -8.59 0.66 -5.03
CA PHE A 14 -9.02 1.28 -3.81
C PHE A 14 -10.42 1.86 -3.99
N THR A 15 -10.98 2.40 -2.93
CA THR A 15 -12.30 3.00 -3.00
C THR A 15 -12.42 4.10 -1.95
N SER A 16 -13.55 4.81 -1.96
CA SER A 16 -13.79 5.90 -1.03
C SER A 16 -13.68 5.44 0.43
N GLU A 17 -14.28 4.29 0.73
CA GLU A 17 -14.26 3.75 2.09
C GLU A 17 -12.85 3.37 2.52
N GLN A 18 -12.06 2.89 1.56
CA GLN A 18 -10.69 2.47 1.85
C GLN A 18 -9.76 3.68 1.96
N LEU A 19 -10.05 4.72 1.18
CA LEU A 19 -9.23 5.92 1.17
C LEU A 19 -9.57 6.83 2.34
N LEU A 20 -10.60 6.44 3.10
CA LEU A 20 -11.04 7.23 4.26
C LEU A 20 -9.97 7.28 5.33
N GLU A 21 -9.66 6.13 5.93
CA GLU A 21 -8.65 6.06 6.98
C GLU A 21 -7.25 5.97 6.40
N LEU A 22 -7.14 5.55 5.16
CA LEU A 22 -5.85 5.41 4.50
C LEU A 22 -5.19 6.78 4.29
N GLU A 23 -5.96 7.73 3.76
CA GLU A 23 -5.44 9.07 3.51
C GLU A 23 -5.02 9.75 4.81
N LYS A 24 -5.69 9.38 5.90
CA LYS A 24 -5.39 9.94 7.21
C LYS A 24 -3.92 9.69 7.58
N GLU A 25 -3.47 8.47 7.39
CA GLU A 25 -2.10 8.10 7.71
C GLU A 25 -1.12 8.84 6.79
N PHE A 26 -1.47 8.93 5.51
CA PHE A 26 -0.64 9.61 4.52
C PHE A 26 -0.38 11.06 4.90
N HIS A 27 -1.29 11.65 5.66
CA HIS A 27 -1.14 13.05 6.08
C HIS A 27 -0.81 13.14 7.56
N CYS A 28 -0.54 11.99 8.16
CA CYS A 28 -0.19 11.94 9.57
C CYS A 28 1.31 11.73 9.72
N LYS A 29 1.85 10.78 8.96
CA LYS A 29 3.27 10.47 8.99
C LYS A 29 3.68 9.73 7.73
N LYS A 30 4.99 9.61 7.51
CA LYS A 30 5.50 8.94 6.33
C LYS A 30 6.32 7.71 6.70
N TYR A 31 6.10 7.20 7.90
CA TYR A 31 6.81 6.03 8.40
C TYR A 31 5.84 5.13 9.16
N LEU A 32 6.27 3.93 9.48
CA LEU A 32 5.40 3.00 10.20
C LEU A 32 6.16 2.37 11.36
N SER A 33 5.45 1.53 12.10
CA SER A 33 6.02 0.83 13.24
C SER A 33 5.39 -0.55 13.32
N LEU A 34 6.00 -1.44 14.11
CA LEU A 34 5.52 -2.82 14.25
C LEU A 34 4.17 -2.88 14.98
N THR A 35 3.11 -2.41 14.30
CA THR A 35 1.75 -2.40 14.86
C THR A 35 0.87 -1.38 14.14
N GLU A 36 1.50 -0.38 13.53
CA GLU A 36 0.78 0.70 12.85
C GLU A 36 -0.05 0.20 11.68
N ARG A 37 0.55 -0.62 10.82
CA ARG A 37 -0.14 -1.14 9.64
C ARG A 37 -1.26 -2.08 10.03
N SER A 38 -0.99 -2.91 11.04
CA SER A 38 -1.97 -3.87 11.52
C SER A 38 -3.22 -3.17 12.07
N GLN A 39 -3.02 -1.99 12.66
CA GLN A 39 -4.14 -1.23 13.22
C GLN A 39 -4.99 -0.63 12.12
N ILE A 40 -4.40 -0.38 10.97
CA ILE A 40 -5.14 0.19 9.84
C ILE A 40 -6.10 -0.86 9.28
N ALA A 41 -5.61 -2.08 9.16
CA ALA A 41 -6.41 -3.18 8.64
C ALA A 41 -7.40 -3.69 9.68
N HIS A 42 -7.06 -3.52 10.95
CA HIS A 42 -7.91 -3.98 12.04
C HIS A 42 -8.94 -2.92 12.43
N ALA A 43 -8.93 -1.80 11.73
CA ALA A 43 -9.87 -0.73 12.01
C ALA A 43 -11.14 -0.86 11.18
N LEU A 44 -11.02 -1.52 10.03
CA LEU A 44 -12.16 -1.70 9.14
C LEU A 44 -11.95 -2.92 8.25
N LYS A 45 -12.70 -2.97 7.15
CA LYS A 45 -12.61 -4.09 6.20
C LYS A 45 -11.39 -3.97 5.30
N LEU A 46 -10.22 -3.76 5.90
CA LEU A 46 -8.99 -3.63 5.15
C LEU A 46 -8.07 -4.81 5.44
N SER A 47 -7.15 -5.09 4.53
CA SER A 47 -6.21 -6.19 4.70
C SER A 47 -4.80 -5.67 4.95
N GLU A 48 -4.04 -6.39 5.76
CA GLU A 48 -2.68 -5.98 6.10
C GLU A 48 -1.80 -5.98 4.87
N VAL A 49 -1.96 -6.99 4.03
CA VAL A 49 -1.18 -7.13 2.80
C VAL A 49 -1.41 -5.95 1.86
N GLN A 50 -2.63 -5.43 1.84
CA GLN A 50 -2.97 -4.30 1.00
C GLN A 50 -2.17 -3.08 1.37
N VAL A 51 -2.01 -2.86 2.67
CA VAL A 51 -1.28 -1.70 3.18
C VAL A 51 0.24 -1.92 3.07
N LYS A 52 0.65 -3.15 2.74
CA LYS A 52 2.06 -3.47 2.61
C LYS A 52 2.60 -2.96 1.27
N ILE A 53 1.88 -3.27 0.21
CA ILE A 53 2.29 -2.87 -1.14
C ILE A 53 2.00 -1.40 -1.43
N TRP A 54 0.99 -0.85 -0.76
CA TRP A 54 0.60 0.55 -0.96
C TRP A 54 1.78 1.51 -0.78
N PHE A 55 2.54 1.32 0.29
CA PHE A 55 3.68 2.19 0.57
C PHE A 55 4.92 1.75 -0.20
N GLN A 56 5.00 0.46 -0.49
CA GLN A 56 6.15 -0.09 -1.20
C GLN A 56 6.15 0.33 -2.66
N ASN A 57 4.96 0.67 -3.16
CA ASN A 57 4.80 1.10 -4.55
C ASN A 57 5.70 2.29 -4.86
N ARG A 58 5.92 3.15 -3.87
CA ARG A 58 6.77 4.33 -4.06
C ARG A 58 8.22 3.99 -3.73
N ARG A 59 8.42 3.11 -2.78
CA ARG A 59 9.76 2.71 -2.36
C ARG A 59 10.48 1.99 -3.50
N ALA A 60 9.75 1.17 -4.24
CA ALA A 60 10.31 0.43 -5.36
C ALA A 60 10.80 1.39 -6.44
N LYS A 61 10.09 2.50 -6.61
CA LYS A 61 10.45 3.50 -7.59
C LYS A 61 11.64 4.31 -7.11
N TRP A 62 11.69 4.57 -5.80
CA TRP A 62 12.78 5.33 -5.20
C TRP A 62 14.10 4.57 -5.30
N LYS A 63 14.04 3.25 -5.16
CA LYS A 63 15.23 2.41 -5.23
C LYS A 63 15.84 2.46 -6.62
N ARG A 64 15.03 2.82 -7.61
CA ARG A 64 15.47 2.91 -9.00
C ARG A 64 16.34 4.14 -9.19
N ILE A 65 16.15 5.14 -8.33
CA ILE A 65 16.93 6.37 -8.39
C ILE A 65 18.11 6.30 -7.43
N LYS A 66 17.94 5.52 -6.36
CA LYS A 66 18.98 5.34 -5.36
C LYS A 66 19.97 4.25 -5.78
N ALA A 67 20.34 4.26 -7.05
CA ALA A 67 21.27 3.26 -7.57
C ALA A 67 22.33 3.90 -8.45
N GLY A 68 23.42 3.18 -8.66
CA GLY A 68 24.50 3.69 -9.50
C GLY A 68 24.30 3.30 -10.94
N ASN A 69 24.87 4.08 -11.85
CA ASN A 69 24.75 3.80 -13.28
C ASN A 69 26.09 3.38 -13.86
N VAL A 70 26.21 3.42 -15.17
CA VAL A 70 27.44 3.06 -15.85
C VAL A 70 27.70 4.01 -17.02
N SER A 71 28.97 4.18 -17.38
CA SER A 71 29.37 5.06 -18.47
C SER A 71 28.91 6.50 -18.21
#